data_7QCI
#
_entry.id   7QCI
#
_cell.length_a   83.366
_cell.length_b   83.366
_cell.length_c   133.887
_cell.angle_alpha   90.000
_cell.angle_beta   90.000
_cell.angle_gamma   120.000
#
_symmetry.space_group_name_H-M   'P 32 2 1'
#
loop_
_entity.id
_entity.type
_entity.pdbx_description
1 polymer 'Papain-like protease nsp3'
2 non-polymer N-(3,4-dihydroxybenzylidene)-thiosemicarbazone
3 non-polymer GLYCEROL
4 non-polymer 'ZINC ION'
5 non-polymer 'PHOSPHATE ION'
6 non-polymer 'CHLORIDE ION'
7 water water
#
_entity_poly.entity_id   1
_entity_poly.type   'polypeptide(L)'
_entity_poly.pdbx_seq_one_letter_code
;EVRTIKVFTTVDNINLHTQVVDMSMTYGQQFGPTYLDGADVTKIKPHNSHEGKTFYVLPNDDTLRVEAFEYYHTTDPSFL
GRYMSALNHTKKWKYPQVNGLTSIKWADNN(CSO)YLATALLTLQQIELKFNPPALQDAYYRARAGEAANFCALILAYCN
KTVGELGDVRETMSYLFQHANLDSCKRVLNVVCKTCGQQQTTLKGVEAVMYMGTLSYEQFKKGVQIPCTCGKQATKYLVQ
QESPFVMMSAPPAQYELKHGTFTCASEYTGNYQCGHYKHITSKETLYCIDGALLTKSSEYKGPITDVFYKENSYTTTIK
;
_entity_poly.pdbx_strand_id   A
#
loop_
_chem_comp.id
_chem_comp.type
_chem_comp.name
_chem_comp.formula
A6Q non-polymer N-(3,4-dihydroxybenzylidene)-thiosemicarbazone 'C10 H13 N3 O2 S'
CL non-polymer 'CHLORIDE ION' 'Cl -1'
GOL non-polymer GLYCEROL 'C3 H8 O3'
PO4 non-polymer 'PHOSPHATE ION' 'O4 P -3'
ZN non-polymer 'ZINC ION' 'Zn 2'
#
# COMPACT_ATOMS: atom_id res chain seq x y z
N GLU A 1 26.71 42.05 -10.72
CA GLU A 1 26.67 41.04 -11.80
C GLU A 1 25.40 40.19 -11.72
N VAL A 2 24.68 40.04 -12.81
CA VAL A 2 23.51 39.17 -12.90
C VAL A 2 24.01 37.77 -13.28
N ARG A 3 23.53 36.77 -12.57
CA ARG A 3 23.96 35.40 -12.82
C ARG A 3 22.74 34.50 -12.82
N THR A 4 22.69 33.59 -13.78
CA THR A 4 21.56 32.69 -13.93
C THR A 4 22.08 31.32 -14.30
N ILE A 5 21.26 30.31 -14.02
CA ILE A 5 21.47 28.97 -14.55
C ILE A 5 20.15 28.49 -15.14
N LYS A 6 20.23 27.53 -16.05
CA LYS A 6 19.08 26.80 -16.52
C LYS A 6 18.82 25.60 -15.61
N VAL A 7 17.56 25.42 -15.21
CA VAL A 7 17.07 24.21 -14.54
C VAL A 7 15.73 23.84 -15.18
N PHE A 8 15.25 22.64 -14.82
CA PHE A 8 13.94 22.13 -15.22
C PHE A 8 13.07 21.93 -14.00
N THR A 9 11.84 22.38 -14.12
CA THR A 9 10.81 22.06 -13.16
C THR A 9 9.92 20.93 -13.69
N THR A 10 9.27 20.24 -12.76
CA THR A 10 8.43 19.09 -13.07
C THR A 10 7.45 18.84 -11.92
N VAL A 11 6.36 18.16 -12.24
CA VAL A 11 5.55 17.53 -11.21
C VAL A 11 5.59 16.00 -11.30
N ASP A 12 6.00 15.41 -12.43
CA ASP A 12 5.94 13.96 -12.60
C ASP A 12 7.28 13.33 -12.92
N ASN A 13 8.33 14.14 -12.98
CA ASN A 13 9.70 13.73 -13.26
C ASN A 13 9.87 13.13 -14.64
N ILE A 14 8.90 13.36 -15.53
CA ILE A 14 8.95 12.96 -16.94
C ILE A 14 8.83 14.20 -17.83
N ASN A 15 7.76 14.96 -17.66
CA ASN A 15 7.60 16.18 -18.44
C ASN A 15 8.39 17.28 -17.77
N LEU A 16 9.33 17.84 -18.52
CA LEU A 16 10.23 18.83 -17.99
C LEU A 16 9.82 20.20 -18.52
N HIS A 17 10.03 21.23 -17.70
CA HIS A 17 9.72 22.60 -18.08
C HIS A 17 10.94 23.49 -17.86
N THR A 18 11.49 24.01 -18.97
CA THR A 18 12.70 24.85 -18.92
C THR A 18 12.48 26.10 -18.09
N GLN A 19 13.44 26.39 -17.22
CA GLN A 19 13.41 27.64 -16.46
C GLN A 19 14.79 28.27 -16.44
N VAL A 20 14.82 29.59 -16.34
CA VAL A 20 16.04 30.34 -16.02
C VAL A 20 15.84 30.95 -14.64
N VAL A 21 16.77 30.68 -13.71
CA VAL A 21 16.67 31.16 -12.33
C VAL A 21 17.78 32.14 -12.01
N ASP A 22 17.43 33.18 -11.25
CA ASP A 22 18.40 34.13 -10.75
C ASP A 22 19.11 33.51 -9.57
N MET A 23 20.44 33.54 -9.60
CA MET A 23 21.19 32.93 -8.53
C MET A 23 21.16 33.75 -7.24
N SER A 24 20.78 35.01 -7.34
CA SER A 24 20.67 35.87 -6.17
C SER A 24 19.37 35.66 -5.41
N MET A 25 18.45 34.85 -5.91
CA MET A 25 17.17 34.63 -5.25
C MET A 25 16.95 33.14 -4.93
N THR A 26 16.18 32.90 -3.89
CA THR A 26 15.88 31.52 -3.53
C THR A 26 14.93 30.89 -4.54
N TYR A 27 14.93 29.56 -4.57
CA TYR A 27 13.97 28.85 -5.40
C TYR A 27 12.55 29.23 -5.02
N GLY A 28 12.30 29.44 -3.72
CA GLY A 28 10.94 29.75 -3.31
C GLY A 28 10.45 31.08 -3.84
N GLN A 29 11.35 32.08 -3.90
CA GLN A 29 10.97 33.37 -4.47
C GLN A 29 10.58 33.27 -5.95
N GLN A 30 11.07 32.24 -6.62
CA GLN A 30 10.92 32.10 -8.06
C GLN A 30 9.90 31.05 -8.46
N PHE A 31 9.77 29.96 -7.71
CA PHE A 31 8.89 28.86 -8.09
C PHE A 31 7.79 28.57 -7.07
N GLY A 32 7.82 29.17 -5.88
CA GLY A 32 7.16 28.60 -4.74
C GLY A 32 7.89 27.39 -4.17
N PRO A 33 7.18 26.55 -3.43
CA PRO A 33 7.88 25.40 -2.82
C PRO A 33 8.58 24.55 -3.86
N THR A 34 9.86 24.25 -3.61
CA THR A 34 10.70 23.57 -4.58
C THR A 34 11.49 22.44 -3.93
N TYR A 35 11.66 21.33 -4.64
CA TYR A 35 12.33 20.17 -4.06
C TYR A 35 13.31 19.58 -5.05
N LEU A 36 14.45 19.12 -4.54
CA LEU A 36 15.46 18.42 -5.32
C LEU A 36 15.62 17.01 -4.78
N ASP A 37 15.14 16.04 -5.55
N ASP A 37 15.10 16.04 -5.53
CA ASP A 37 15.14 14.64 -5.14
CA ASP A 37 15.18 14.64 -5.11
C ASP A 37 14.65 14.50 -3.70
C ASP A 37 14.64 14.47 -3.70
N GLY A 38 13.59 15.22 -3.38
CA GLY A 38 12.93 15.13 -2.11
C GLY A 38 13.39 16.14 -1.07
N ALA A 39 14.56 16.74 -1.25
CA ALA A 39 15.06 17.71 -0.30
C ALA A 39 14.37 19.05 -0.57
N ASP A 40 13.95 19.71 0.50
CA ASP A 40 13.26 20.99 0.36
C ASP A 40 14.29 22.09 0.14
N VAL A 41 14.35 22.63 -1.08
CA VAL A 41 15.30 23.72 -1.42
C VAL A 41 14.60 25.08 -1.58
N THR A 42 13.41 25.23 -1.00
CA THR A 42 12.64 26.47 -1.14
C THR A 42 13.40 27.67 -0.61
N LYS A 43 14.17 27.49 0.46
CA LYS A 43 14.85 28.61 1.09
C LYS A 43 16.30 28.72 0.66
N ILE A 44 16.71 27.98 -0.35
CA ILE A 44 18.10 27.87 -0.81
C ILE A 44 18.21 28.65 -2.11
N LYS A 45 19.32 29.29 -2.31
CA LYS A 45 19.62 29.94 -3.57
C LYS A 45 20.27 28.97 -4.57
N PRO A 46 20.09 29.17 -5.87
CA PRO A 46 20.67 28.23 -6.83
C PRO A 46 22.18 28.12 -6.70
N HIS A 47 22.69 26.90 -6.85
CA HIS A 47 24.12 26.59 -6.85
C HIS A 47 24.56 26.28 -8.28
N ASN A 48 25.85 26.45 -8.55
CA ASN A 48 26.33 26.14 -9.88
C ASN A 48 26.06 24.69 -10.26
N SER A 49 26.14 23.78 -9.29
CA SER A 49 25.93 22.37 -9.55
C SER A 49 24.49 22.04 -9.88
N HIS A 50 23.56 22.97 -9.66
CA HIS A 50 22.16 22.76 -10.00
C HIS A 50 21.86 22.90 -11.48
N GLU A 51 22.78 23.41 -12.28
CA GLU A 51 22.45 23.67 -13.68
C GLU A 51 22.07 22.37 -14.38
N GLY A 52 20.95 22.41 -15.10
CA GLY A 52 20.49 21.25 -15.83
C GLY A 52 19.72 20.22 -15.01
N LYS A 53 19.56 20.42 -13.71
CA LYS A 53 18.91 19.45 -12.85
C LYS A 53 17.41 19.72 -12.81
N THR A 54 16.67 18.68 -12.43
CA THR A 54 15.22 18.71 -12.31
C THR A 54 14.82 18.94 -10.87
N PHE A 55 13.90 19.89 -10.69
CA PHE A 55 13.29 20.24 -9.42
C PHE A 55 11.80 20.02 -9.51
N TYR A 56 11.25 19.39 -8.46
CA TYR A 56 9.80 19.31 -8.29
C TYR A 56 9.24 20.61 -7.76
N VAL A 57 8.06 20.99 -8.29
CA VAL A 57 7.34 22.17 -7.83
C VAL A 57 5.88 21.77 -7.60
N LEU A 58 5.14 22.65 -6.97
CA LEU A 58 3.71 22.45 -6.83
C LEU A 58 2.98 22.85 -8.12
N PRO A 59 1.80 22.28 -8.37
CA PRO A 59 1.09 22.62 -9.62
C PRO A 59 0.43 23.97 -9.54
N ASN A 60 1.14 25.02 -9.95
CA ASN A 60 0.72 26.40 -9.82
C ASN A 60 0.25 26.99 -11.14
N ASP A 61 0.13 26.19 -12.20
CA ASP A 61 -0.50 26.65 -13.44
C ASP A 61 -1.26 25.47 -14.02
N ASP A 62 -2.10 25.76 -15.01
CA ASP A 62 -3.00 24.72 -15.51
C ASP A 62 -2.26 23.56 -16.14
N THR A 63 -1.12 23.81 -16.80
CA THR A 63 -0.38 22.69 -17.40
C THR A 63 0.14 21.73 -16.35
N LEU A 64 0.72 22.26 -15.29
CA LEU A 64 1.18 21.39 -14.21
C LEU A 64 0.04 20.69 -13.50
N ARG A 65 -1.09 21.37 -13.35
CA ARG A 65 -2.23 20.72 -12.70
C ARG A 65 -2.68 19.49 -13.47
N VAL A 66 -2.77 19.60 -14.80
CA VAL A 66 -3.20 18.47 -15.62
C VAL A 66 -2.15 17.35 -15.56
N GLU A 67 -0.86 17.73 -15.68
CA GLU A 67 0.20 16.72 -15.59
C GLU A 67 0.17 15.99 -14.23
N ALA A 68 -0.01 16.74 -13.13
CA ALA A 68 -0.03 16.14 -11.80
C ALA A 68 -1.22 15.23 -11.64
N PHE A 69 -2.41 15.67 -12.06
CA PHE A 69 -3.53 14.77 -11.89
C PHE A 69 -3.39 13.52 -12.73
N GLU A 70 -2.99 13.67 -14.00
CA GLU A 70 -2.84 12.49 -14.85
C GLU A 70 -1.83 11.51 -14.29
N TYR A 71 -0.76 11.98 -13.65
CA TYR A 71 0.24 11.06 -13.11
C TYR A 71 -0.21 10.46 -11.78
N TYR A 72 -0.82 11.23 -10.89
CA TYR A 72 -1.05 10.77 -9.53
C TYR A 72 -2.51 10.43 -9.20
N HIS A 73 -3.45 10.94 -9.98
CA HIS A 73 -4.89 10.71 -9.76
C HIS A 73 -5.34 11.24 -8.41
N THR A 74 -4.81 12.40 -8.03
CA THR A 74 -5.20 13.15 -6.85
C THR A 74 -5.09 14.63 -7.15
N THR A 75 -5.95 15.42 -6.51
CA THR A 75 -5.87 16.88 -6.49
C THR A 75 -5.71 17.41 -5.06
N ASP A 76 -5.26 16.58 -4.11
CA ASP A 76 -5.05 17.08 -2.76
C ASP A 76 -3.91 18.08 -2.82
N PRO A 77 -4.10 19.33 -2.39
CA PRO A 77 -3.04 20.34 -2.54
C PRO A 77 -1.72 19.98 -1.86
N SER A 78 -1.76 19.23 -0.77
CA SER A 78 -0.56 18.92 -0.02
C SER A 78 0.10 17.63 -0.47
N PHE A 79 -0.39 17.00 -1.55
CA PHE A 79 0.12 15.68 -1.92
C PHE A 79 1.60 15.72 -2.26
N LEU A 80 2.00 16.64 -3.12
CA LEU A 80 3.35 16.60 -3.63
C LEU A 80 4.35 16.89 -2.53
N GLY A 81 4.00 17.80 -1.64
CA GLY A 81 4.89 18.11 -0.55
C GLY A 81 5.02 16.94 0.42
N ARG A 82 3.95 16.20 0.61
CA ARG A 82 3.98 14.99 1.48
C ARG A 82 4.81 13.90 0.79
N TYR A 83 4.65 13.73 -0.49
CA TYR A 83 5.45 12.75 -1.23
C TYR A 83 6.94 13.09 -1.17
N MET A 84 7.29 14.35 -1.44
CA MET A 84 8.69 14.73 -1.35
C MET A 84 9.24 14.55 0.09
N SER A 85 8.48 14.98 1.10
CA SER A 85 8.94 14.82 2.48
C SER A 85 9.20 13.35 2.84
N ALA A 86 8.33 12.47 2.41
CA ALA A 86 8.56 11.04 2.62
C ALA A 86 9.78 10.56 1.86
N LEU A 87 9.93 11.00 0.62
CA LEU A 87 10.99 10.46 -0.25
C LEU A 87 12.34 10.82 0.30
N ASN A 88 12.45 12.00 0.89
CA ASN A 88 13.72 12.41 1.43
C ASN A 88 14.19 11.40 2.48
N HIS A 89 13.26 10.73 3.13
CA HIS A 89 13.60 9.63 4.05
C HIS A 89 13.72 8.28 3.36
N THR A 90 12.73 7.92 2.56
CA THR A 90 12.73 6.57 2.03
C THR A 90 13.89 6.32 1.08
N LYS A 91 14.42 7.36 0.43
CA LYS A 91 15.60 7.16 -0.38
C LYS A 91 16.80 6.73 0.44
N LYS A 92 16.79 6.91 1.78
CA LYS A 92 17.87 6.45 2.64
C LYS A 92 17.62 5.08 3.25
N TRP A 93 16.44 4.51 3.06
CA TRP A 93 16.18 3.16 3.53
C TRP A 93 16.91 2.16 2.64
N LYS A 94 17.00 0.95 3.17
CA LYS A 94 17.65 -0.23 2.54
C LYS A 94 16.55 -1.21 2.09
N TYR A 95 16.67 -1.74 0.88
CA TYR A 95 15.65 -2.61 0.30
C TYR A 95 16.28 -3.94 -0.09
N PRO A 96 16.59 -4.78 0.90
CA PRO A 96 17.23 -6.06 0.59
C PRO A 96 16.26 -6.97 -0.15
N GLN A 97 16.83 -7.82 -1.00
CA GLN A 97 16.09 -8.94 -1.58
C GLN A 97 16.09 -10.10 -0.61
N VAL A 98 14.92 -10.50 -0.12
CA VAL A 98 14.76 -11.55 0.88
C VAL A 98 13.91 -12.64 0.25
N ASN A 99 14.49 -13.82 0.08
CA ASN A 99 13.81 -14.96 -0.53
C ASN A 99 13.16 -14.57 -1.86
N GLY A 100 13.86 -13.73 -2.59
CA GLY A 100 13.44 -13.36 -3.92
C GLY A 100 12.55 -12.16 -4.04
N LEU A 101 12.12 -11.57 -2.93
CA LEU A 101 11.24 -10.43 -2.89
C LEU A 101 11.94 -9.19 -2.35
N THR A 102 11.49 -8.03 -2.84
CA THR A 102 11.97 -6.78 -2.31
C THR A 102 11.35 -6.57 -0.95
N SER A 103 12.20 -6.43 0.07
CA SER A 103 11.79 -6.10 1.42
C SER A 103 12.31 -4.70 1.79
N ILE A 104 12.14 -4.33 3.06
CA ILE A 104 12.66 -3.06 3.57
C ILE A 104 13.34 -3.34 4.90
N LYS A 105 14.59 -2.90 5.06
CA LYS A 105 15.26 -2.94 6.36
C LYS A 105 14.52 -2.04 7.32
N TRP A 106 14.38 -2.52 8.55
CA TRP A 106 13.56 -1.83 9.52
C TRP A 106 14.12 -0.43 9.79
N ALA A 107 13.23 0.56 9.77
CA ALA A 107 13.54 1.96 10.10
C ALA A 107 12.21 2.68 10.28
N ASP A 108 12.15 3.66 11.18
CA ASP A 108 11.05 4.64 11.20
C ASP A 108 9.68 3.95 11.22
N ASN A 109 9.58 2.86 11.97
CA ASN A 109 8.29 2.14 12.11
C ASN A 109 7.72 1.68 10.78
N ASN A 110 8.58 1.26 9.87
CA ASN A 110 8.12 0.93 8.52
C ASN A 110 7.77 -0.54 8.33
N CSO A 111 7.57 -1.24 9.45
CA CSO A 111 7.31 -2.68 9.30
CB CSO A 111 7.24 -3.40 10.65
SG CSO A 111 6.14 -2.51 11.79
C CSO A 111 6.03 -2.91 8.51
O CSO A 111 5.95 -3.87 7.73
OD CSO A 111 7.13 -1.33 12.75
N TYR A 112 5.03 -2.04 8.72
CA TYR A 112 3.73 -2.22 8.03
C TYR A 112 3.89 -2.04 6.54
N LEU A 113 4.83 -1.16 6.18
CA LEU A 113 5.09 -0.96 4.77
C LEU A 113 5.85 -2.13 4.16
N ALA A 114 6.78 -2.72 4.93
CA ALA A 114 7.49 -3.88 4.38
C ALA A 114 6.51 -5.02 4.14
N THR A 115 5.63 -5.30 5.10
N THR A 115 5.63 -5.28 5.11
CA THR A 115 4.74 -6.43 4.90
CA THR A 115 4.69 -6.38 4.95
C THR A 115 3.72 -6.16 3.80
C THR A 115 3.77 -6.14 3.78
N ALA A 116 3.28 -4.90 3.62
CA ALA A 116 2.45 -4.57 2.46
C ALA A 116 3.20 -4.75 1.14
N LEU A 117 4.47 -4.35 1.09
CA LEU A 117 5.22 -4.48 -0.14
C LEU A 117 5.47 -5.93 -0.47
N LEU A 118 5.81 -6.73 0.56
CA LEU A 118 6.03 -8.14 0.32
C LEU A 118 4.77 -8.81 -0.17
N THR A 119 3.62 -8.39 0.36
CA THR A 119 2.32 -8.95 -0.04
C THR A 119 1.96 -8.60 -1.49
N LEU A 120 2.16 -7.35 -1.88
CA LEU A 120 1.87 -6.98 -3.25
C LEU A 120 2.61 -7.84 -4.26
N GLN A 121 3.82 -8.25 -3.94
CA GLN A 121 4.60 -9.05 -4.87
C GLN A 121 4.11 -10.47 -4.97
N GLN A 122 3.10 -10.86 -4.19
CA GLN A 122 2.60 -12.21 -4.22
C GLN A 122 1.16 -12.30 -4.67
N ILE A 123 0.53 -11.17 -5.04
CA ILE A 123 -0.86 -11.17 -5.48
C ILE A 123 -0.96 -10.44 -6.81
N GLU A 124 -1.94 -10.85 -7.61
CA GLU A 124 -2.13 -10.25 -8.92
C GLU A 124 -2.87 -8.93 -8.77
N LEU A 125 -2.19 -7.83 -9.08
CA LEU A 125 -2.79 -6.52 -8.89
C LEU A 125 -2.12 -5.53 -9.83
N LYS A 126 -2.91 -4.71 -10.50
CA LYS A 126 -2.39 -3.65 -11.35
C LYS A 126 -2.89 -2.29 -10.87
N PHE A 127 -1.99 -1.34 -10.72
CA PHE A 127 -2.35 0.01 -10.31
C PHE A 127 -2.84 0.86 -11.47
N ASN A 128 -3.70 1.79 -11.16
CA ASN A 128 -4.15 2.69 -12.20
C ASN A 128 -3.34 3.98 -12.36
N PRO A 129 -2.99 4.71 -11.32
CA PRO A 129 -2.16 5.89 -11.55
C PRO A 129 -0.80 5.52 -12.12
N PRO A 130 -0.35 6.26 -13.14
CA PRO A 130 0.99 6.00 -13.67
C PRO A 130 2.06 6.12 -12.64
N ALA A 131 1.89 6.99 -11.65
CA ALA A 131 2.91 7.13 -10.62
C ALA A 131 3.13 5.82 -9.88
N LEU A 132 2.04 5.12 -9.55
CA LEU A 132 2.14 3.84 -8.84
C LEU A 132 2.63 2.74 -9.77
N GLN A 133 2.17 2.75 -11.04
CA GLN A 133 2.66 1.78 -12.04
C GLN A 133 4.18 1.84 -12.14
N ASP A 134 4.69 3.05 -12.35
CA ASP A 134 6.11 3.25 -12.56
C ASP A 134 6.90 2.91 -11.28
N ALA A 135 6.46 3.42 -10.14
CA ALA A 135 7.26 3.19 -8.92
C ALA A 135 7.19 1.73 -8.45
N TYR A 136 6.08 1.03 -8.73
CA TYR A 136 5.95 -0.38 -8.34
C TYR A 136 6.83 -1.27 -9.21
N TYR A 137 6.96 -0.90 -10.47
CA TYR A 137 7.88 -1.59 -11.36
C TYR A 137 9.32 -1.47 -10.86
N ARG A 138 9.70 -0.27 -10.40
CA ARG A 138 11.04 -0.08 -9.84
C ARG A 138 11.19 -0.82 -8.52
N ALA A 139 10.12 -0.83 -7.74
CA ALA A 139 10.19 -1.49 -6.44
C ALA A 139 10.40 -2.97 -6.59
N ARG A 140 9.75 -3.58 -7.58
CA ARG A 140 9.94 -4.99 -7.84
C ARG A 140 11.37 -5.30 -8.21
N ALA A 141 12.01 -4.37 -8.94
CA ALA A 141 13.40 -4.52 -9.32
C ALA A 141 14.36 -4.25 -8.18
N GLY A 142 13.88 -3.72 -7.07
CA GLY A 142 14.70 -3.46 -5.89
C GLY A 142 14.82 -2.00 -5.51
N GLU A 143 14.38 -1.05 -6.32
CA GLU A 143 14.51 0.37 -6.00
C GLU A 143 13.14 0.87 -5.60
N ALA A 144 12.77 0.59 -4.35
CA ALA A 144 11.43 0.82 -3.83
C ALA A 144 11.23 2.18 -3.17
N ALA A 145 12.22 3.10 -3.22
CA ALA A 145 12.10 4.34 -2.43
C ALA A 145 10.92 5.20 -2.88
N ASN A 146 10.76 5.39 -4.19
CA ASN A 146 9.62 6.17 -4.67
C ASN A 146 8.29 5.51 -4.36
N PHE A 147 8.20 4.19 -4.55
CA PHE A 147 6.97 3.48 -4.22
C PHE A 147 6.59 3.64 -2.76
N CYS A 148 7.56 3.42 -1.85
CA CYS A 148 7.27 3.60 -0.44
C CYS A 148 6.85 5.03 -0.10
N ALA A 149 7.52 6.05 -0.68
CA ALA A 149 7.09 7.44 -0.42
C ALA A 149 5.68 7.71 -0.95
N LEU A 150 5.34 7.11 -2.08
CA LEU A 150 3.99 7.25 -2.62
C LEU A 150 2.96 6.58 -1.73
N ILE A 151 3.26 5.39 -1.19
CA ILE A 151 2.30 4.77 -0.30
C ILE A 151 2.00 5.69 0.86
N LEU A 152 3.07 6.27 1.43
CA LEU A 152 2.89 7.15 2.56
C LEU A 152 2.02 8.33 2.19
N ALA A 153 2.26 8.91 1.00
CA ALA A 153 1.53 10.11 0.60
C ALA A 153 0.06 9.78 0.36
N TYR A 154 -0.20 8.70 -0.37
CA TYR A 154 -1.58 8.29 -0.64
C TYR A 154 -2.32 7.91 0.64
N CYS A 155 -1.64 7.31 1.62
CA CYS A 155 -2.28 6.91 2.89
C CYS A 155 -2.30 8.05 3.90
N ASN A 156 -1.77 9.22 3.55
CA ASN A 156 -1.66 10.32 4.51
C ASN A 156 -0.98 9.92 5.83
N LYS A 157 0.08 9.16 5.71
CA LYS A 157 0.98 8.85 6.81
C LYS A 157 2.34 9.51 6.60
N THR A 158 2.95 10.00 7.65
CA THR A 158 4.32 10.48 7.59
C THR A 158 5.27 9.37 8.00
N VAL A 159 6.52 9.50 7.56
CA VAL A 159 7.58 8.62 8.00
C VAL A 159 7.61 8.61 9.53
N GLY A 160 7.69 7.41 10.11
CA GLY A 160 7.72 7.25 11.53
C GLY A 160 6.38 7.00 12.18
N GLU A 161 5.29 7.32 11.50
CA GLU A 161 3.97 7.12 12.06
C GLU A 161 3.62 5.63 12.01
N LEU A 162 2.97 5.16 13.07
CA LEU A 162 2.46 3.80 13.14
C LEU A 162 1.35 3.61 12.13
N GLY A 163 1.47 2.54 11.36
CA GLY A 163 0.49 2.27 10.33
C GLY A 163 -0.20 0.92 10.51
N ASP A 164 -1.33 0.70 9.82
CA ASP A 164 -2.13 -0.52 9.86
C ASP A 164 -2.05 -1.15 8.47
N VAL A 165 -1.80 -2.46 8.41
CA VAL A 165 -1.60 -3.07 7.11
C VAL A 165 -2.93 -3.13 6.34
N ARG A 166 -4.02 -3.49 7.02
CA ARG A 166 -5.31 -3.59 6.33
C ARG A 166 -5.71 -2.23 5.74
N GLU A 167 -5.56 -1.18 6.53
CA GLU A 167 -5.89 0.17 6.05
C GLU A 167 -5.01 0.55 4.86
N THR A 168 -3.72 0.21 4.89
CA THR A 168 -2.83 0.55 3.80
C THR A 168 -3.21 -0.20 2.54
N MET A 169 -3.57 -1.49 2.66
CA MET A 169 -3.97 -2.24 1.47
C MET A 169 -5.27 -1.67 0.89
N SER A 170 -6.18 -1.22 1.75
CA SER A 170 -7.41 -0.61 1.29
C SER A 170 -7.14 0.61 0.42
N TYR A 171 -6.17 1.44 0.82
CA TYR A 171 -5.83 2.62 0.03
C TYR A 171 -5.20 2.24 -1.30
N LEU A 172 -4.34 1.22 -1.28
CA LEU A 172 -3.69 0.79 -2.51
C LEU A 172 -4.68 0.13 -3.44
N PHE A 173 -5.59 -0.68 -2.88
CA PHE A 173 -6.65 -1.29 -3.66
C PHE A 173 -7.54 -0.25 -4.30
N GLN A 174 -7.75 0.89 -3.63
CA GLN A 174 -8.60 1.93 -4.19
C GLN A 174 -8.04 2.45 -5.51
N HIS A 175 -6.72 2.42 -5.66
CA HIS A 175 -6.00 2.90 -6.82
C HIS A 175 -5.59 1.78 -7.76
N ALA A 176 -6.22 0.62 -7.64
CA ALA A 176 -5.96 -0.55 -8.47
C ALA A 176 -7.22 -0.88 -9.27
N ASN A 177 -7.02 -1.61 -10.36
CA ASN A 177 -8.12 -2.05 -11.19
C ASN A 177 -8.65 -3.36 -10.62
N LEU A 178 -9.67 -3.26 -9.79
CA LEU A 178 -10.39 -4.41 -9.27
C LEU A 178 -11.81 -4.45 -9.79
N ASP A 179 -12.08 -3.78 -10.91
CA ASP A 179 -13.45 -3.69 -11.39
C ASP A 179 -14.05 -5.06 -11.74
N SER A 180 -13.23 -6.02 -12.16
CA SER A 180 -13.72 -7.38 -12.42
C SER A 180 -14.06 -8.18 -11.15
N CYS A 181 -13.78 -7.71 -9.95
CA CYS A 181 -13.97 -8.55 -8.78
C CYS A 181 -15.39 -8.47 -8.27
N LYS A 182 -15.95 -9.62 -7.88
CA LYS A 182 -17.34 -9.71 -7.49
C LYS A 182 -17.47 -10.70 -6.35
N ARG A 183 -18.34 -10.37 -5.40
CA ARG A 183 -18.58 -11.19 -4.23
C ARG A 183 -20.08 -11.24 -3.98
N VAL A 184 -20.63 -12.45 -3.81
CA VAL A 184 -22.01 -12.63 -3.39
C VAL A 184 -22.02 -13.29 -2.02
N LEU A 185 -22.81 -12.72 -1.11
CA LEU A 185 -22.94 -13.21 0.26
C LEU A 185 -24.41 -13.44 0.57
N ASN A 186 -24.66 -14.32 1.54
CA ASN A 186 -26.00 -14.60 2.03
C ASN A 186 -25.99 -14.55 3.55
N VAL A 187 -27.02 -13.92 4.12
CA VAL A 187 -27.15 -13.72 5.55
C VAL A 187 -28.50 -14.27 5.94
N VAL A 188 -28.51 -15.23 6.86
CA VAL A 188 -29.81 -15.84 7.28
C VAL A 188 -29.98 -15.74 8.79
N CYS A 189 -31.01 -15.01 9.20
CA CYS A 189 -31.50 -14.94 10.58
C CYS A 189 -32.79 -15.75 10.66
N LYS A 190 -32.93 -16.51 11.73
CA LYS A 190 -34.09 -17.40 11.83
C LYS A 190 -35.38 -16.67 12.12
N THR A 191 -35.34 -15.41 12.54
CA THR A 191 -36.54 -14.60 12.69
C THR A 191 -36.82 -13.70 11.49
N CYS A 192 -35.79 -13.14 10.85
CA CYS A 192 -35.98 -12.25 9.71
C CYS A 192 -35.81 -12.95 8.36
N GLY A 193 -35.42 -14.21 8.34
CA GLY A 193 -35.22 -14.91 7.08
C GLY A 193 -33.87 -14.61 6.44
N GLN A 194 -33.83 -14.52 5.12
CA GLN A 194 -32.59 -14.36 4.37
C GLN A 194 -32.47 -12.98 3.74
N GLN A 195 -31.23 -12.61 3.44
CA GLN A 195 -30.94 -11.44 2.61
C GLN A 195 -29.59 -11.69 1.93
N GLN A 196 -29.58 -11.67 0.61
CA GLN A 196 -28.36 -11.78 -0.17
C GLN A 196 -27.82 -10.40 -0.52
N THR A 197 -26.50 -10.32 -0.67
CA THR A 197 -25.83 -9.06 -0.96
C THR A 197 -24.73 -9.32 -1.98
N THR A 198 -24.51 -8.34 -2.86
CA THR A 198 -23.43 -8.40 -3.84
C THR A 198 -22.49 -7.23 -3.62
N LEU A 199 -21.18 -7.52 -3.62
CA LEU A 199 -20.12 -6.54 -3.40
C LEU A 199 -19.22 -6.53 -4.63
N LYS A 200 -18.60 -5.38 -4.91
CA LYS A 200 -17.80 -5.18 -6.11
C LYS A 200 -16.52 -4.45 -5.75
N GLY A 201 -15.51 -4.65 -6.58
CA GLY A 201 -14.27 -3.92 -6.40
C GLY A 201 -13.56 -4.21 -5.08
N VAL A 202 -13.13 -3.16 -4.40
CA VAL A 202 -12.34 -3.39 -3.19
C VAL A 202 -13.14 -4.19 -2.18
N GLU A 203 -14.42 -3.86 -2.03
CA GLU A 203 -15.23 -4.54 -1.03
C GLU A 203 -15.47 -6.00 -1.37
N ALA A 204 -15.31 -6.40 -2.63
CA ALA A 204 -15.40 -7.82 -2.97
C ALA A 204 -14.17 -8.65 -2.59
N VAL A 205 -12.99 -8.04 -2.37
CA VAL A 205 -11.81 -8.82 -2.01
C VAL A 205 -11.38 -8.70 -0.55
N MET A 206 -11.98 -7.80 0.23
CA MET A 206 -11.60 -7.61 1.63
C MET A 206 -12.73 -8.04 2.54
N TYR A 207 -12.40 -8.70 3.65
CA TYR A 207 -13.41 -9.02 4.65
C TYR A 207 -12.81 -8.88 6.04
N MET A 208 -13.59 -8.34 6.97
CA MET A 208 -13.13 -8.07 8.33
C MET A 208 -13.98 -8.88 9.29
N GLY A 209 -13.35 -9.79 10.02
CA GLY A 209 -14.10 -10.52 11.01
C GLY A 209 -13.52 -11.89 11.24
N THR A 210 -12.95 -12.48 10.19
CA THR A 210 -12.42 -13.83 10.30
C THR A 210 -11.21 -13.97 9.41
N LEU A 211 -10.20 -14.73 9.87
CA LEU A 211 -8.98 -14.94 9.09
C LEU A 211 -9.09 -16.09 8.11
N SER A 212 -10.08 -16.95 8.29
CA SER A 212 -10.12 -18.24 7.61
C SER A 212 -11.05 -18.13 6.41
N TYR A 213 -10.51 -18.35 5.21
CA TYR A 213 -11.33 -18.41 4.00
C TYR A 213 -12.30 -19.58 4.04
N GLU A 214 -11.90 -20.70 4.62
CA GLU A 214 -12.81 -21.83 4.70
C GLU A 214 -13.99 -21.54 5.61
N GLN A 215 -13.75 -20.90 6.76
CA GLN A 215 -14.88 -20.65 7.64
C GLN A 215 -15.83 -19.63 7.03
N PHE A 216 -15.28 -18.70 6.23
CA PHE A 216 -16.10 -17.75 5.47
C PHE A 216 -17.01 -18.50 4.50
N LYS A 217 -16.54 -19.60 3.93
CA LYS A 217 -17.37 -20.39 3.03
C LYS A 217 -18.41 -21.20 3.78
N LYS A 218 -18.05 -21.71 4.97
CA LYS A 218 -18.96 -22.52 5.76
C LYS A 218 -19.93 -21.67 6.58
N GLY A 219 -19.53 -20.46 6.94
CA GLY A 219 -20.41 -19.52 7.62
C GLY A 219 -19.87 -18.97 8.91
N VAL A 220 -20.19 -17.71 9.19
CA VAL A 220 -19.76 -17.02 10.40
C VAL A 220 -20.96 -16.30 11.01
N GLN A 221 -20.90 -16.07 12.33
CA GLN A 221 -22.02 -15.54 13.08
C GLN A 221 -21.89 -14.03 13.26
N ILE A 222 -22.97 -13.31 13.01
CA ILE A 222 -23.01 -11.86 13.14
C ILE A 222 -24.30 -11.41 13.75
N PRO A 223 -24.36 -10.26 14.38
CA PRO A 223 -25.60 -9.73 14.95
C PRO A 223 -26.61 -9.32 13.88
N CYS A 224 -27.88 -9.34 14.29
CA CYS A 224 -28.98 -8.84 13.48
C CYS A 224 -29.68 -7.70 14.23
N THR A 225 -30.56 -7.00 13.51
CA THR A 225 -31.26 -5.86 14.11
C THR A 225 -32.33 -6.29 15.11
N CYS A 226 -32.76 -7.56 15.09
CA CYS A 226 -33.74 -8.05 16.04
C CYS A 226 -33.13 -8.49 17.37
N GLY A 227 -31.80 -8.60 17.44
CA GLY A 227 -31.10 -9.13 18.59
C GLY A 227 -30.64 -10.57 18.44
N LYS A 228 -31.16 -11.29 17.45
CA LYS A 228 -30.74 -12.65 17.17
C LYS A 228 -29.42 -12.66 16.41
N GLN A 229 -28.76 -13.79 16.44
CA GLN A 229 -27.47 -13.93 15.74
C GLN A 229 -27.75 -14.57 14.38
N ALA A 230 -27.44 -13.85 13.31
CA ALA A 230 -27.53 -14.31 11.94
C ALA A 230 -26.22 -14.97 11.53
N THR A 231 -26.26 -15.68 10.40
CA THR A 231 -25.10 -16.35 9.83
C THR A 231 -24.83 -15.84 8.42
N LYS A 232 -23.57 -15.50 8.16
CA LYS A 232 -23.12 -14.99 6.87
C LYS A 232 -22.18 -16.01 6.24
N TYR A 233 -22.39 -16.33 4.96
CA TYR A 233 -21.50 -17.23 4.25
C TYR A 233 -21.36 -16.80 2.80
N LEU A 234 -20.29 -17.28 2.17
CA LEU A 234 -19.89 -16.83 0.84
C LEU A 234 -20.60 -17.65 -0.23
N VAL A 235 -21.29 -16.96 -1.12
CA VAL A 235 -22.06 -17.64 -2.15
C VAL A 235 -21.27 -17.78 -3.45
N GLN A 236 -20.60 -16.71 -3.87
CA GLN A 236 -19.87 -16.68 -5.13
C GLN A 236 -18.74 -15.66 -5.03
N GLN A 237 -17.60 -15.99 -5.65
CA GLN A 237 -16.42 -15.14 -5.62
C GLN A 237 -15.70 -15.16 -6.96
N GLU A 238 -15.44 -13.98 -7.50
CA GLU A 238 -14.64 -13.81 -8.70
C GLU A 238 -13.56 -12.79 -8.38
N SER A 239 -12.31 -13.22 -8.25
CA SER A 239 -11.18 -12.36 -7.97
C SER A 239 -9.92 -13.19 -8.02
N PRO A 240 -8.77 -12.57 -8.28
CA PRO A 240 -7.50 -13.31 -8.28
C PRO A 240 -6.94 -13.58 -6.90
N PHE A 241 -7.47 -12.95 -5.86
CA PHE A 241 -7.06 -13.17 -4.49
C PHE A 241 -8.20 -12.71 -3.60
N VAL A 242 -8.07 -13.04 -2.35
CA VAL A 242 -8.93 -12.50 -1.32
C VAL A 242 -8.06 -12.19 -0.11
N MET A 243 -8.51 -11.23 0.67
CA MET A 243 -7.85 -10.79 1.90
C MET A 243 -8.83 -10.90 3.04
N MET A 244 -8.45 -11.71 4.05
CA MET A 244 -9.26 -11.95 5.24
C MET A 244 -8.52 -11.32 6.42
N SER A 245 -9.25 -10.56 7.24
CA SER A 245 -8.65 -9.73 8.28
C SER A 245 -9.48 -9.90 9.53
N ALA A 246 -8.83 -9.72 10.69
CA ALA A 246 -9.47 -9.76 11.98
C ALA A 246 -8.57 -9.09 13.01
N PRO A 247 -9.13 -8.73 14.15
CA PRO A 247 -8.28 -8.22 15.22
C PRO A 247 -7.25 -9.27 15.56
N PRO A 248 -6.03 -8.89 15.94
CA PRO A 248 -4.98 -9.90 16.09
C PRO A 248 -5.37 -10.94 17.12
N ALA A 249 -5.07 -12.19 16.78
CA ALA A 249 -5.38 -13.29 17.67
C ALA A 249 -4.46 -14.45 17.31
N GLN A 250 -4.17 -15.30 18.32
CA GLN A 250 -3.37 -16.50 18.10
C GLN A 250 -4.05 -17.32 17.01
N TYR A 251 -3.29 -17.67 15.99
CA TYR A 251 -3.81 -18.34 14.81
C TYR A 251 -2.73 -19.25 14.22
N GLU A 252 -3.16 -20.41 13.72
CA GLU A 252 -2.25 -21.41 13.17
C GLU A 252 -2.24 -21.32 11.64
N LEU A 253 -1.06 -21.11 11.07
CA LEU A 253 -0.87 -21.05 9.63
C LEU A 253 -0.26 -22.35 9.16
N LYS A 254 -0.95 -23.02 8.24
CA LYS A 254 -0.55 -24.34 7.72
C LYS A 254 0.03 -24.18 6.31
N HIS A 255 1.20 -24.77 6.09
CA HIS A 255 1.88 -24.70 4.80
C HIS A 255 0.93 -25.12 3.70
N GLY A 256 0.91 -24.37 2.61
CA GLY A 256 0.13 -24.76 1.45
C GLY A 256 -1.35 -24.38 1.47
N THR A 257 -1.84 -23.71 2.48
CA THR A 257 -3.26 -23.42 2.63
C THR A 257 -3.55 -21.95 2.50
N PHE A 258 -2.54 -21.13 2.19
CA PHE A 258 -2.68 -19.68 2.07
C PHE A 258 -1.48 -19.20 1.29
N THR A 259 -1.57 -17.95 0.85
CA THR A 259 -0.46 -17.33 0.12
C THR A 259 0.52 -16.66 1.09
N CYS A 260 0.04 -15.68 1.83
CA CYS A 260 0.89 -14.95 2.77
C CYS A 260 -0.01 -14.33 3.82
N ALA A 261 0.60 -13.81 4.88
CA ALA A 261 -0.15 -13.32 6.03
C ALA A 261 0.65 -12.22 6.72
N SER A 262 -0.03 -11.43 7.52
CA SER A 262 0.63 -10.47 8.41
C SER A 262 0.46 -10.88 9.87
N GLU A 263 1.56 -10.83 10.62
CA GLU A 263 1.55 -11.08 12.07
C GLU A 263 1.74 -9.73 12.76
N TYR A 264 0.96 -9.47 13.81
CA TYR A 264 1.13 -8.26 14.59
C TYR A 264 1.28 -8.59 16.05
N THR A 265 2.38 -8.14 16.67
CA THR A 265 2.66 -8.28 18.08
C THR A 265 2.67 -6.90 18.71
N GLY A 266 1.95 -6.75 19.82
CA GLY A 266 1.95 -5.49 20.52
C GLY A 266 0.56 -5.03 20.88
N ASN A 267 0.32 -3.72 20.86
CA ASN A 267 -0.91 -3.08 21.32
C ASN A 267 -1.35 -2.05 20.28
N TYR A 268 -2.49 -1.43 20.54
CA TYR A 268 -3.06 -0.46 19.62
CA TYR A 268 -3.05 -0.46 19.61
C TYR A 268 -2.16 0.76 19.44
N GLN A 269 -1.46 1.18 20.52
CA GLN A 269 -0.69 2.40 20.47
C GLN A 269 0.65 2.21 19.77
N CYS A 270 1.23 1.02 19.85
CA CYS A 270 2.44 0.71 19.09
C CYS A 270 2.71 -0.80 19.10
N GLY A 271 3.41 -1.25 18.06
CA GLY A 271 3.60 -2.68 17.89
C GLY A 271 4.54 -2.99 16.74
N HIS A 272 4.49 -4.25 16.29
CA HIS A 272 5.40 -4.67 15.23
C HIS A 272 4.78 -5.74 14.35
N TYR A 273 4.82 -5.51 13.04
CA TYR A 273 4.36 -6.46 12.05
C TYR A 273 5.52 -7.33 11.57
N LYS A 274 5.20 -8.59 11.24
CA LYS A 274 6.05 -9.46 10.43
C LYS A 274 5.23 -10.09 9.34
N HIS A 275 5.91 -10.60 8.32
CA HIS A 275 5.28 -11.21 7.17
C HIS A 275 5.57 -12.71 7.12
N ILE A 276 4.53 -13.52 6.87
CA ILE A 276 4.68 -14.96 6.69
C ILE A 276 4.25 -15.35 5.29
N THR A 277 5.12 -16.06 4.58
CA THR A 277 4.82 -16.48 3.22
C THR A 277 4.97 -18.00 3.12
N SER A 278 4.00 -18.64 2.45
CA SER A 278 4.00 -20.09 2.30
C SER A 278 4.54 -20.43 0.91
N LYS A 279 5.79 -20.89 0.86
CA LYS A 279 6.42 -21.37 -0.35
C LYS A 279 6.71 -22.86 -0.20
N GLU A 280 7.96 -23.27 -0.46
CA GLU A 280 8.33 -24.67 -0.21
C GLU A 280 8.22 -25.02 1.27
N THR A 281 8.33 -24.01 2.14
CA THR A 281 8.06 -24.11 3.56
C THR A 281 7.53 -22.77 3.99
N LEU A 282 7.37 -22.56 5.29
CA LEU A 282 6.88 -21.28 5.79
C LEU A 282 8.05 -20.37 6.15
N TYR A 283 8.14 -19.24 5.46
CA TYR A 283 9.18 -18.26 5.72
C TYR A 283 8.59 -17.05 6.42
N CYS A 284 9.30 -16.55 7.42
CA CYS A 284 8.90 -15.32 8.12
C CYS A 284 9.91 -14.24 7.77
N ILE A 285 9.45 -13.21 7.06
CA ILE A 285 10.28 -12.08 6.66
C ILE A 285 9.94 -10.95 7.58
N ASP A 286 10.97 -10.45 8.27
CA ASP A 286 10.83 -9.40 9.27
C ASP A 286 11.82 -8.33 8.81
N GLY A 287 11.39 -7.52 7.86
CA GLY A 287 12.34 -6.59 7.25
C GLY A 287 13.43 -7.30 6.48
N ALA A 288 14.66 -7.07 6.92
CA ALA A 288 15.84 -7.76 6.39
C ALA A 288 16.06 -9.18 6.95
N LEU A 289 15.36 -9.53 8.03
CA LEU A 289 15.51 -10.80 8.75
C LEU A 289 14.64 -11.88 8.13
N LEU A 290 15.18 -13.11 8.08
CA LEU A 290 14.47 -14.25 7.51
C LEU A 290 14.66 -15.48 8.40
N THR A 291 13.59 -16.18 8.70
CA THR A 291 13.61 -17.44 9.43
C THR A 291 12.57 -18.33 8.74
N LYS A 292 12.63 -19.63 9.07
CA LYS A 292 11.73 -20.60 8.46
C LYS A 292 11.22 -21.54 9.55
N SER A 293 10.07 -22.16 9.25
CA SER A 293 9.53 -23.23 10.08
C SER A 293 8.57 -24.08 9.26
N SER A 294 8.33 -25.32 9.73
CA SER A 294 7.36 -26.16 9.04
C SER A 294 5.93 -25.85 9.48
N GLU A 295 5.80 -25.40 10.73
CA GLU A 295 4.49 -25.04 11.35
C GLU A 295 4.58 -23.62 11.91
N TYR A 296 3.45 -22.92 11.99
N TYR A 296 3.45 -22.93 12.00
CA TYR A 296 3.46 -21.55 12.49
CA TYR A 296 3.47 -21.57 12.51
C TYR A 296 2.19 -21.26 13.29
C TYR A 296 2.20 -21.30 13.32
N LYS A 297 2.38 -20.63 14.46
CA LYS A 297 1.30 -20.16 15.30
C LYS A 297 1.74 -18.80 15.82
N GLY A 298 0.82 -17.85 15.82
CA GLY A 298 1.15 -16.49 16.19
C GLY A 298 -0.02 -15.55 15.98
N PRO A 299 0.12 -14.29 16.43
CA PRO A 299 -1.01 -13.35 16.35
C PRO A 299 -1.15 -12.80 14.95
N ILE A 300 -2.04 -13.39 14.17
CA ILE A 300 -2.24 -13.05 12.77
C ILE A 300 -3.38 -12.05 12.68
N THR A 301 -3.22 -11.05 11.80
N THR A 301 -3.25 -11.08 11.77
CA THR A 301 -4.24 -10.03 11.54
CA THR A 301 -4.29 -10.09 11.56
C THR A 301 -4.79 -10.04 10.13
C THR A 301 -4.77 -9.97 10.12
N ASP A 302 -4.00 -10.42 9.13
CA ASP A 302 -4.45 -10.53 7.75
C ASP A 302 -3.91 -11.82 7.14
N VAL A 303 -4.73 -12.48 6.32
CA VAL A 303 -4.26 -13.62 5.56
C VAL A 303 -4.74 -13.45 4.12
N PHE A 304 -3.88 -13.76 3.17
CA PHE A 304 -4.18 -13.66 1.75
C PHE A 304 -4.25 -15.03 1.12
N TYR A 305 -5.23 -15.23 0.24
CA TYR A 305 -5.47 -16.49 -0.43
C TYR A 305 -5.59 -16.25 -1.92
N LYS A 306 -5.18 -17.25 -2.69
CA LYS A 306 -5.40 -17.24 -4.13
C LYS A 306 -6.86 -17.57 -4.46
N GLU A 307 -7.29 -17.08 -5.62
CA GLU A 307 -8.66 -17.33 -6.06
C GLU A 307 -8.70 -17.14 -7.56
N ASN A 308 -9.73 -17.72 -8.18
N ASN A 308 -9.71 -17.74 -8.18
CA ASN A 308 -10.05 -17.47 -9.57
CA ASN A 308 -10.06 -17.41 -9.56
C ASN A 308 -11.57 -17.31 -9.63
C ASN A 308 -11.58 -17.29 -9.64
N SER A 309 -12.28 -18.40 -9.43
CA SER A 309 -13.74 -18.41 -9.39
C SER A 309 -14.18 -19.45 -8.37
N TYR A 310 -15.11 -19.06 -7.48
CA TYR A 310 -15.63 -20.00 -6.50
C TYR A 310 -17.14 -19.87 -6.42
N THR A 311 -17.86 -21.01 -6.41
CA THR A 311 -19.29 -21.04 -6.21
C THR A 311 -19.62 -22.06 -5.13
N THR A 312 -20.52 -21.68 -4.24
CA THR A 312 -20.87 -22.48 -3.08
C THR A 312 -21.76 -23.65 -3.48
N THR A 313 -21.72 -24.66 -2.66
CA THR A 313 -22.62 -25.83 -2.82
C THR A 313 -23.81 -25.64 -1.87
N ILE A 314 -23.72 -24.80 -0.86
CA ILE A 314 -24.82 -24.61 0.12
C ILE A 314 -26.08 -24.21 -0.64
N LYS A 315 -27.18 -24.89 -0.33
CA LYS A 315 -28.49 -24.65 -0.99
C LYS A 315 -29.28 -23.67 -0.11
C10 A6Q B . -6.09 20.10 -10.56
N12 A6Q B . -6.58 20.50 -9.25
C13 A6Q B . -7.88 21.15 -9.16
C01 A6Q B . -1.12 18.31 -5.86
C02 A6Q B . -1.72 19.44 -6.38
C03 A6Q B . -2.44 19.35 -7.56
C04 A6Q B . -2.57 18.14 -8.24
C05 A6Q B . -1.97 17.01 -7.75
C06 A6Q B . -1.25 17.13 -6.56
C07 A6Q B . -3.37 18.16 -9.52
C14 A6Q B . -8.95 20.30 -8.45
N08 A6Q B . -4.02 19.18 -9.68
N09 A6Q B . -4.84 19.42 -10.76
O15 A6Q B . -1.62 20.67 -5.73
O16 A6Q B . -0.34 18.43 -4.68
S11 A6Q B . -7.00 20.35 -11.83
H121 A6Q B . -6.04 20.34 -8.43
H131 A6Q B . -7.76 22.09 -8.62
H132 A6Q B . -8.22 21.37 -10.16
H031 A6Q B . -2.92 20.23 -7.95
H051 A6Q B . -2.05 16.06 -8.27
H061 A6Q B . -0.76 16.24 -6.17
H071 A6Q B . -3.37 17.35 -10.24
H142 A6Q B . -8.83 20.38 -7.38
H141 A6Q B . -8.83 19.26 -8.75
H143 A6Q B . -9.94 20.65 -8.73
H091 A6Q B . -4.54 19.16 -11.69
H151 A6Q B . -2.36 20.79 -5.16
H161 A6Q B . 0.19 19.21 -4.72
C1 GOL C . 11.73 15.92 5.54
O1 GOL C . 11.63 14.90 4.58
C2 GOL C . 10.42 15.92 6.38
O2 GOL C . 10.65 15.23 7.62
C3 GOL C . 10.04 17.40 6.50
O3 GOL C . 8.63 17.46 6.62
H11 GOL C . 12.49 15.80 6.13
H12 GOL C . 11.85 16.80 5.14
HO1 GOL C . 12.32 14.97 4.08
H2 GOL C . 9.68 15.45 5.95
HO2 GOL C . 11.33 15.60 7.98
H31 GOL C . 10.51 17.77 7.27
H32 GOL C . 10.40 17.88 5.74
HO3 GOL C . 8.42 18.27 6.70
C1 GOL D . 5.58 26.18 -16.09
O1 GOL D . 6.75 26.82 -16.69
C2 GOL D . 4.98 25.25 -17.14
O2 GOL D . 3.77 24.70 -16.69
C3 GOL D . 4.73 26.09 -18.45
O3 GOL D . 4.03 25.23 -19.35
H11 GOL D . 4.91 26.83 -15.81
H12 GOL D . 5.80 25.67 -15.30
HO1 GOL D . 6.93 27.46 -16.20
H2 GOL D . 5.60 24.54 -17.31
HO2 GOL D . 3.22 25.35 -16.55
H31 GOL D . 5.59 26.39 -18.78
H32 GOL D . 4.24 26.89 -18.23
HO3 GOL D . 3.87 25.70 -20.04
ZN ZN E . -33.00 -11.08 12.84
P PO4 F . -7.85 5.31 -9.89
O1 PO4 F . -8.09 3.80 -9.65
O2 PO4 F . -6.55 5.84 -9.27
O3 PO4 F . -8.99 6.08 -9.25
O4 PO4 F . -7.81 5.58 -11.40
P PO4 G . -3.02 -2.28 14.41
O1 PO4 G . -2.80 -3.76 14.05
O2 PO4 G . -2.98 -2.09 15.92
O3 PO4 G . -4.39 -1.86 13.91
O4 PO4 G . -2.01 -1.33 13.76
P PO4 H . 15.78 8.19 7.74
O1 PO4 H . 16.24 6.97 8.54
O2 PO4 H . 14.36 8.54 8.14
O3 PO4 H . 15.76 7.85 6.27
O4 PO4 H . 16.68 9.40 8.00
P PO4 I . 31.59 43.85 -16.78
O1 PO4 I . 31.09 43.18 -15.52
O2 PO4 I . 31.10 45.27 -16.87
O3 PO4 I . 33.10 43.89 -16.79
O4 PO4 I . 31.12 43.07 -17.98
P PO4 J . 3.45 -29.82 4.99
O1 PO4 J . 3.34 -31.26 5.46
O2 PO4 J . 4.81 -29.61 4.35
O3 PO4 J . 2.38 -29.51 3.98
O4 PO4 J . 3.31 -28.91 6.19
CL CL K . 1.02 -1.80 -11.82
#